data_5MUG
#
_entry.id   5MUG
#
_cell.length_a   168.259
_cell.length_b   168.259
_cell.length_c   168.259
_cell.angle_alpha   90.000
_cell.angle_beta   90.000
_cell.angle_gamma   90.000
#
_symmetry.space_group_name_H-M   'I 4 3 2'
#
loop_
_entity.id
_entity.type
_entity.pdbx_description
1 polymer 'Alpha-tocopherol transfer protein'
2 non-polymer (2R)-2,5,7,8-TETRAMETHYL-2-[(4R,8R)-4,8,12-TRIMETHYLTRIDECYL]CHROMAN-6-OL
3 non-polymer 'SULFATE ION'
4 non-polymer 'CHLORIDE ION'
5 non-polymer ETHANOLAMINE
6 water water
#
_entity_poly.entity_id   1
_entity_poly.type   'polypeptide(L)'
_entity_poly.pdbx_seq_one_letter_code
;TDSFLLRFLRARDFDLDLAWRLLKNYYKWRAECPEISADLHPRSIIGLLKAGYHGVLRSRDPTGSKVLIYRIAHWDPKVF
TAYDVFRVSLITSELIVQEVETQRNGIKAIFDLEGWQFSHAFQITPSVAKKIAAVLTDSFPLKVRGIHLINEPVIFHAVF
SMIKPFLTEKIKERIHMHGNNYKQSLLQHFPDILPLEYGGEEFSMEDICQEWTNFIMKSEDYLSSISESIQ
;
_entity_poly.pdbx_strand_id   A
#
loop_
_chem_comp.id
_chem_comp.type
_chem_comp.name
_chem_comp.formula
CL non-polymer 'CHLORIDE ION' 'Cl -1'
SO4 non-polymer 'SULFATE ION' 'O4 S -2'
VIV non-polymer (2R)-2,5,7,8-TETRAMETHYL-2-[(4R,8R)-4,8,12-TRIMETHYLTRIDECYL]CHROMAN-6-OL 'C29 H50 O2'
#
# COMPACT_ATOMS: atom_id res chain seq x y z
N THR A 1 -3.69 14.22 22.88
CA THR A 1 -3.77 14.49 21.45
C THR A 1 -2.39 14.56 20.82
N ASP A 2 -2.02 13.53 20.07
CA ASP A 2 -0.76 13.53 19.33
C ASP A 2 -0.80 14.53 18.19
N SER A 3 0.20 15.42 18.14
CA SER A 3 0.32 16.38 17.05
C SER A 3 0.47 15.65 15.72
N PHE A 4 0.13 16.33 14.63
CA PHE A 4 0.20 15.72 13.29
C PHE A 4 1.64 15.35 12.92
N LEU A 5 2.58 16.05 13.53
CA LEU A 5 3.99 15.91 13.18
C LEU A 5 4.67 14.77 13.94
N LEU A 6 3.92 14.11 14.81
CA LEU A 6 4.46 13.02 15.62
C LEU A 6 4.62 11.74 14.82
N ARG A 7 3.73 11.53 13.85
CA ARG A 7 3.79 10.34 13.01
C ARG A 7 5.04 10.35 12.12
N PHE A 8 5.53 11.56 11.80
CA PHE A 8 6.74 11.69 11.01
C PHE A 8 7.98 11.44 11.85
N LEU A 9 7.92 11.82 13.12
CA LEU A 9 8.98 11.53 14.08
C LEU A 9 9.12 10.03 14.29
N ARG A 10 7.99 9.37 14.57
CA ARG A 10 8.00 7.93 14.80
C ARG A 10 8.48 7.17 13.58
N ALA A 11 8.19 7.72 12.40
CA ALA A 11 8.58 7.10 11.14
C ALA A 11 10.09 7.20 10.91
N ARG A 12 10.73 8.11 11.62
CA ARG A 12 12.17 8.33 11.47
C ARG A 12 12.93 8.22 12.78
N ASP A 13 12.40 7.41 13.70
CA ASP A 13 13.01 7.16 15.01
C ASP A 13 13.38 8.43 15.76
N PHE A 14 12.50 9.41 15.70
CA PHE A 14 12.66 10.70 16.37
C PHE A 14 13.96 11.42 15.99
N ASP A 15 14.38 11.21 14.75
CA ASP A 15 15.43 12.01 14.15
C ASP A 15 14.77 13.25 13.54
N LEU A 16 14.97 14.40 14.16
CA LEU A 16 14.24 15.61 13.76
C LEU A 16 14.55 16.05 12.33
N ASP A 17 15.82 15.97 11.93
CA ASP A 17 16.20 16.32 10.57
C ASP A 17 15.51 15.43 9.54
N LEU A 18 15.61 14.12 9.75
CA LEU A 18 15.06 13.15 8.82
C LEU A 18 13.54 13.24 8.73
N ALA A 19 12.89 13.47 9.87
CA ALA A 19 11.44 13.63 9.90
C ALA A 19 11.02 14.88 9.14
N TRP A 20 11.85 15.91 9.24
CA TRP A 20 11.59 17.17 8.54
C TRP A 20 11.62 16.96 7.04
N ARG A 21 12.62 16.23 6.56
CA ARG A 21 12.73 15.94 5.14
C ARG A 21 11.55 15.11 4.64
N LEU A 22 11.04 14.22 5.50
CA LEU A 22 9.90 13.37 5.15
C LEU A 22 8.63 14.21 5.01
N LEU A 23 8.42 15.13 5.94
CA LEU A 23 7.25 16.00 5.91
C LEU A 23 7.28 16.88 4.67
N LYS A 24 8.47 17.35 4.31
CA LYS A 24 8.64 18.18 3.11
C LYS A 24 8.18 17.43 1.87
N ASN A 25 8.61 16.17 1.76
CA ASN A 25 8.26 15.36 0.60
C ASN A 25 6.79 14.98 0.60
N TYR A 26 6.23 14.77 1.79
CA TYR A 26 4.82 14.41 1.94
C TYR A 26 3.88 15.47 1.37
N TYR A 27 4.34 16.70 1.30
CA TYR A 27 3.53 17.81 0.81
C TYR A 27 3.78 18.10 -0.66
N LYS A 28 4.90 17.59 -1.16
CA LYS A 28 5.36 17.93 -2.51
C LYS A 28 5.17 16.79 -3.50
N TRP A 29 5.26 15.55 -3.00
CA TRP A 29 5.39 14.36 -3.86
C TRP A 29 4.25 14.19 -4.86
N ARG A 30 3.02 14.53 -4.47
CA ARG A 30 1.88 14.31 -5.37
C ARG A 30 1.76 15.43 -6.40
N ALA A 31 2.44 16.54 -6.13
CA ALA A 31 2.39 17.70 -7.02
C ALA A 31 3.29 17.52 -8.24
N GLU A 32 4.04 16.42 -8.27
CA GLU A 32 4.92 16.12 -9.40
C GLU A 32 4.11 15.86 -10.67
N CYS A 33 4.35 16.67 -11.69
CA CYS A 33 3.59 16.62 -12.94
C CYS A 33 3.86 15.32 -13.72
N PRO A 34 2.78 14.63 -14.16
CA PRO A 34 1.36 14.97 -13.94
C PRO A 34 0.91 14.60 -12.53
N GLU A 35 0.32 15.56 -11.83
CA GLU A 35 0.02 15.40 -10.42
C GLU A 35 -1.19 14.51 -10.17
N ILE A 36 -1.19 13.87 -9.01
CA ILE A 36 -2.36 13.16 -8.55
C ILE A 36 -3.06 14.06 -7.53
N SER A 37 -4.39 14.10 -7.57
CA SER A 37 -5.16 14.98 -6.71
C SER A 37 -5.08 14.57 -5.24
N ALA A 38 -5.34 15.53 -4.36
CA ALA A 38 -5.31 15.29 -2.92
C ALA A 38 -6.65 14.76 -2.42
N ASP A 39 -7.58 14.54 -3.35
CA ASP A 39 -8.90 14.00 -3.03
C ASP A 39 -8.81 12.57 -2.48
N LEU A 40 -9.35 12.36 -1.28
CA LEU A 40 -9.27 11.07 -0.62
C LEU A 40 -10.64 10.50 -0.26
N HIS A 41 -11.69 10.99 -0.92
CA HIS A 41 -13.03 10.47 -0.68
C HIS A 41 -13.23 9.18 -1.47
N PRO A 42 -13.76 8.15 -0.79
CA PRO A 42 -13.92 6.81 -1.37
C PRO A 42 -14.96 6.71 -2.49
N ARG A 43 -15.68 7.79 -2.78
CA ARG A 43 -16.74 7.73 -3.78
C ARG A 43 -16.20 7.37 -5.18
N SER A 44 -14.98 7.82 -5.47
CA SER A 44 -14.42 7.63 -6.80
C SER A 44 -13.86 6.22 -6.98
N ILE A 45 -13.62 5.52 -5.88
CA ILE A 45 -12.99 4.20 -5.94
C ILE A 45 -13.76 3.13 -5.18
N ILE A 46 -15.03 3.39 -4.89
CA ILE A 46 -15.86 2.42 -4.17
C ILE A 46 -16.03 1.15 -4.99
N GLY A 47 -16.02 1.30 -6.32
CA GLY A 47 -16.11 0.17 -7.23
C GLY A 47 -14.96 -0.80 -7.06
N LEU A 48 -13.76 -0.27 -6.89
CA LEU A 48 -12.58 -1.10 -6.66
C LEU A 48 -12.71 -1.91 -5.37
N LEU A 49 -13.14 -1.23 -4.32
CA LEU A 49 -13.32 -1.86 -3.01
C LEU A 49 -14.35 -2.99 -3.07
N LYS A 50 -15.46 -2.74 -3.75
CA LYS A 50 -16.51 -3.76 -3.85
C LYS A 50 -16.12 -4.91 -4.77
N ALA A 51 -15.13 -4.67 -5.63
CA ALA A 51 -14.66 -5.72 -6.54
C ALA A 51 -13.72 -6.69 -5.84
N GLY A 52 -13.29 -6.34 -4.63
CA GLY A 52 -12.44 -7.21 -3.83
C GLY A 52 -10.96 -7.02 -4.09
N TYR A 53 -10.57 -5.81 -4.48
CA TYR A 53 -9.19 -5.53 -4.84
C TYR A 53 -8.26 -5.42 -3.64
N HIS A 54 -8.81 -5.02 -2.49
CA HIS A 54 -7.96 -4.59 -1.38
C HIS A 54 -8.57 -4.88 0.00
N GLY A 55 -7.73 -5.29 0.93
CA GLY A 55 -8.15 -5.51 2.30
C GLY A 55 -7.00 -5.46 3.30
N VAL A 56 -7.33 -5.31 4.58
CA VAL A 56 -6.33 -5.27 5.64
C VAL A 56 -6.59 -6.35 6.68
N LEU A 57 -5.58 -7.16 6.96
CA LEU A 57 -5.72 -8.24 7.94
C LEU A 57 -6.06 -7.72 9.34
N ARG A 58 -6.87 -8.48 10.06
CA ARG A 58 -7.29 -8.11 11.40
C ARG A 58 -6.11 -8.13 12.37
N SER A 59 -5.21 -9.09 12.18
CA SER A 59 -4.08 -9.26 13.10
C SER A 59 -2.76 -8.77 12.49
N ARG A 60 -1.83 -8.42 13.36
CA ARG A 60 -0.51 -7.96 12.93
C ARG A 60 0.46 -9.13 12.76
N ASP A 61 1.57 -8.87 12.08
CA ASP A 61 2.59 -9.89 11.87
C ASP A 61 3.39 -10.07 13.18
N PRO A 62 4.31 -11.06 13.24
CA PRO A 62 5.02 -11.25 14.51
C PRO A 62 5.85 -10.06 15.00
N THR A 63 6.03 -9.03 14.18
CA THR A 63 6.80 -7.86 14.60
C THR A 63 5.90 -6.64 14.82
N GLY A 64 4.59 -6.83 14.68
CA GLY A 64 3.64 -5.76 14.94
C GLY A 64 3.23 -4.93 13.73
N SER A 65 3.77 -5.26 12.55
CA SER A 65 3.41 -4.54 11.34
C SER A 65 1.98 -4.82 10.90
N LYS A 66 1.29 -3.79 10.43
CA LYS A 66 -0.02 -3.97 9.80
C LYS A 66 0.19 -4.68 8.47
N VAL A 67 -0.72 -5.58 8.12
CA VAL A 67 -0.56 -6.32 6.86
C VAL A 67 -1.67 -5.98 5.87
N LEU A 68 -1.26 -5.53 4.69
CA LEU A 68 -2.15 -5.11 3.63
C LEU A 68 -2.16 -6.14 2.50
N ILE A 69 -3.31 -6.37 1.89
CA ILE A 69 -3.39 -7.31 0.78
C ILE A 69 -4.00 -6.69 -0.47
N TYR A 70 -3.31 -6.85 -1.60
CA TYR A 70 -3.78 -6.35 -2.89
C TYR A 70 -3.92 -7.48 -3.90
N ARG A 71 -5.04 -7.51 -4.59
CA ARG A 71 -5.28 -8.54 -5.62
C ARG A 71 -5.48 -7.87 -6.98
N ILE A 72 -4.45 -7.96 -7.83
CA ILE A 72 -4.43 -7.23 -9.09
C ILE A 72 -5.48 -7.74 -10.07
N ALA A 73 -5.92 -8.98 -9.89
CA ALA A 73 -6.92 -9.55 -10.79
C ALA A 73 -8.27 -8.85 -10.64
N HIS A 74 -8.49 -8.23 -9.48
CA HIS A 74 -9.75 -7.54 -9.22
C HIS A 74 -9.69 -6.07 -9.64
N TRP A 75 -8.61 -5.69 -10.32
CA TRP A 75 -8.51 -4.36 -10.91
C TRP A 75 -8.76 -4.44 -12.42
N ASP A 76 -9.87 -3.85 -12.85
CA ASP A 76 -10.18 -3.73 -14.28
C ASP A 76 -9.60 -2.43 -14.81
N PRO A 77 -8.52 -2.51 -15.60
CA PRO A 77 -7.83 -1.33 -16.10
C PRO A 77 -8.67 -0.50 -17.07
N LYS A 78 -9.76 -1.09 -17.58
CA LYS A 78 -10.63 -0.38 -18.49
C LYS A 78 -11.64 0.48 -17.74
N VAL A 79 -11.77 0.25 -16.44
CA VAL A 79 -12.71 1.00 -15.62
C VAL A 79 -11.99 1.99 -14.70
N PHE A 80 -10.94 1.52 -14.05
CA PHE A 80 -10.19 2.35 -13.11
C PHE A 80 -8.76 2.58 -13.61
N THR A 81 -8.32 3.83 -13.54
CA THR A 81 -6.95 4.17 -13.93
C THR A 81 -5.96 3.84 -12.83
N ALA A 82 -4.68 3.92 -13.14
CA ALA A 82 -3.64 3.68 -12.15
C ALA A 82 -3.72 4.69 -11.01
N TYR A 83 -4.18 5.89 -11.34
CA TYR A 83 -4.32 6.94 -10.34
C TYR A 83 -5.44 6.59 -9.35
N ASP A 84 -6.51 5.99 -9.85
CA ASP A 84 -7.60 5.54 -9.00
C ASP A 84 -7.12 4.44 -8.05
N VAL A 85 -6.36 3.50 -8.60
CA VAL A 85 -5.82 2.40 -7.83
C VAL A 85 -4.80 2.91 -6.81
N PHE A 86 -4.01 3.89 -7.22
CA PHE A 86 -3.06 4.54 -6.32
C PHE A 86 -3.79 5.21 -5.17
N ARG A 87 -4.93 5.83 -5.49
N ARG A 87 -4.93 5.82 -5.47
CA ARG A 87 -5.73 6.54 -4.50
CA ARG A 87 -5.71 6.55 -4.48
C ARG A 87 -6.20 5.61 -3.38
C ARG A 87 -6.21 5.61 -3.38
N VAL A 88 -6.47 4.36 -3.75
CA VAL A 88 -6.92 3.36 -2.77
C VAL A 88 -5.87 3.14 -1.70
N SER A 89 -4.61 3.03 -2.12
CA SER A 89 -3.49 2.88 -1.19
C SER A 89 -3.30 4.14 -0.34
N LEU A 90 -3.48 5.31 -0.94
CA LEU A 90 -3.38 6.57 -0.19
C LEU A 90 -4.42 6.62 0.91
N ILE A 91 -5.65 6.26 0.57
CA ILE A 91 -6.76 6.28 1.52
C ILE A 91 -6.49 5.32 2.69
N THR A 92 -6.07 4.10 2.35
CA THR A 92 -5.77 3.10 3.37
C THR A 92 -4.63 3.52 4.28
N SER A 93 -3.58 4.07 3.69
CA SER A 93 -2.40 4.52 4.42
C SER A 93 -2.73 5.64 5.39
N GLU A 94 -3.54 6.60 4.94
CA GLU A 94 -3.92 7.71 5.80
C GLU A 94 -4.74 7.25 6.99
N LEU A 95 -5.39 6.09 6.86
CA LEU A 95 -6.22 5.55 7.93
C LEU A 95 -5.39 4.78 8.97
N ILE A 96 -4.50 3.91 8.49
CA ILE A 96 -3.77 3.02 9.38
C ILE A 96 -2.60 3.72 10.07
N VAL A 97 -2.21 4.86 9.53
CA VAL A 97 -1.13 5.63 10.13
C VAL A 97 -1.60 6.28 11.44
N GLN A 98 -2.91 6.26 11.67
CA GLN A 98 -3.47 6.78 12.91
C GLN A 98 -3.13 5.89 14.12
N GLU A 99 -2.89 4.61 13.85
CA GLU A 99 -2.54 3.67 14.92
C GLU A 99 -1.08 3.82 15.33
N VAL A 100 -0.87 4.10 16.61
CA VAL A 100 0.49 4.31 17.13
C VAL A 100 1.35 3.07 16.90
N GLU A 101 0.76 1.89 17.06
CA GLU A 101 1.52 0.65 16.90
C GLU A 101 1.91 0.41 15.45
N THR A 102 1.14 0.99 14.52
CA THR A 102 1.51 0.92 13.12
C THR A 102 2.64 1.92 12.85
N GLN A 103 2.58 3.07 13.52
CA GLN A 103 3.62 4.09 13.39
C GLN A 103 4.97 3.56 13.85
N ARG A 104 4.95 2.70 14.87
CA ARG A 104 6.16 2.17 15.45
C ARG A 104 6.69 0.94 14.72
N ASN A 105 5.79 0.08 14.27
CA ASN A 105 6.19 -1.20 13.70
C ASN A 105 6.03 -1.31 12.20
N GLY A 106 5.51 -0.26 11.58
CA GLY A 106 5.43 -0.18 10.13
C GLY A 106 4.37 -1.09 9.52
N ILE A 107 4.47 -1.28 8.21
CA ILE A 107 3.51 -2.09 7.47
C ILE A 107 4.20 -3.10 6.57
N LYS A 108 3.47 -4.12 6.17
CA LYS A 108 3.93 -5.05 5.15
C LYS A 108 2.79 -5.29 4.17
N ALA A 109 3.11 -5.30 2.88
CA ALA A 109 2.07 -5.43 1.86
C ALA A 109 2.27 -6.68 1.01
N ILE A 110 1.17 -7.35 0.70
CA ILE A 110 1.20 -8.54 -0.13
C ILE A 110 0.44 -8.31 -1.42
N PHE A 111 1.15 -8.38 -2.54
CA PHE A 111 0.55 -8.17 -3.86
C PHE A 111 0.37 -9.49 -4.61
N ASP A 112 -0.88 -9.90 -4.77
CA ASP A 112 -1.21 -11.07 -5.58
C ASP A 112 -1.30 -10.64 -7.04
N LEU A 113 -0.23 -10.91 -7.79
CA LEU A 113 -0.15 -10.44 -9.17
C LEU A 113 -0.65 -11.48 -10.16
N GLU A 114 -1.39 -12.47 -9.66
CA GLU A 114 -2.04 -13.43 -10.55
C GLU A 114 -3.09 -12.69 -11.38
N GLY A 115 -3.00 -12.84 -12.70
CA GLY A 115 -3.93 -12.16 -13.60
C GLY A 115 -3.41 -10.82 -14.08
N TRP A 116 -2.13 -10.55 -13.85
CA TRP A 116 -1.48 -9.35 -14.36
C TRP A 116 -1.42 -9.35 -15.88
N GLN A 117 -1.99 -8.33 -16.51
CA GLN A 117 -2.04 -8.23 -17.97
C GLN A 117 -1.21 -7.07 -18.49
N PHE A 118 -1.03 -7.03 -19.81
CA PHE A 118 -0.35 -5.91 -20.44
C PHE A 118 -1.18 -4.63 -20.32
N SER A 119 -2.49 -4.78 -20.20
CA SER A 119 -3.38 -3.63 -20.02
C SER A 119 -3.11 -2.97 -18.67
N HIS A 120 -2.69 -3.77 -17.68
CA HIS A 120 -2.25 -3.22 -16.40
C HIS A 120 -0.94 -2.44 -16.58
N ALA A 121 0.01 -3.04 -17.27
CA ALA A 121 1.32 -2.44 -17.46
C ALA A 121 1.23 -1.15 -18.26
N PHE A 122 0.22 -1.06 -19.13
CA PHE A 122 0.01 0.14 -19.93
C PHE A 122 -0.24 1.35 -19.04
N GLN A 123 -0.88 1.12 -17.90
CA GLN A 123 -1.20 2.19 -16.96
C GLN A 123 0.05 2.67 -16.22
N ILE A 124 1.02 1.79 -16.03
CA ILE A 124 2.21 2.13 -15.26
C ILE A 124 3.25 2.85 -16.11
N THR A 125 3.11 4.17 -16.20
CA THR A 125 4.05 5.02 -16.92
C THR A 125 5.28 5.30 -16.06
N PRO A 126 6.35 5.83 -16.68
CA PRO A 126 7.52 6.26 -15.88
C PRO A 126 7.16 7.22 -14.75
N SER A 127 6.25 8.15 -15.00
CA SER A 127 5.84 9.11 -13.96
C SER A 127 5.16 8.38 -12.81
N VAL A 128 4.33 7.40 -13.14
CA VAL A 128 3.65 6.60 -12.12
C VAL A 128 4.66 5.77 -11.34
N ALA A 129 5.61 5.19 -12.07
CA ALA A 129 6.69 4.41 -11.47
C ALA A 129 7.44 5.22 -10.40
N LYS A 130 7.77 6.46 -10.75
CA LYS A 130 8.47 7.37 -9.84
C LYS A 130 7.67 7.64 -8.57
N LYS A 131 6.35 7.76 -8.73
CA LYS A 131 5.48 8.03 -7.59
C LYS A 131 5.38 6.81 -6.69
N ILE A 132 5.35 5.62 -7.29
CA ILE A 132 5.33 4.38 -6.52
C ILE A 132 6.58 4.31 -5.65
N ALA A 133 7.74 4.56 -6.25
CA ALA A 133 9.00 4.53 -5.50
C ALA A 133 9.05 5.60 -4.42
N ALA A 134 8.43 6.75 -4.68
CA ALA A 134 8.44 7.85 -3.73
C ALA A 134 7.76 7.50 -2.41
N VAL A 135 6.55 6.95 -2.49
CA VAL A 135 5.79 6.63 -1.29
C VAL A 135 6.35 5.41 -0.58
N LEU A 136 7.16 4.63 -1.29
CA LEU A 136 7.81 3.46 -0.70
C LEU A 136 9.02 3.84 0.13
N THR A 137 9.63 4.97 -0.19
CA THR A 137 10.94 5.30 0.39
C THR A 137 10.92 6.51 1.34
N ASP A 138 10.47 7.66 0.84
CA ASP A 138 10.65 8.88 1.62
C ASP A 138 9.61 9.97 1.39
N SER A 139 8.36 9.58 1.14
CA SER A 139 7.32 10.58 0.88
C SER A 139 6.03 10.33 1.65
N PHE A 140 5.98 9.26 2.44
CA PHE A 140 4.83 9.00 3.29
C PHE A 140 5.28 8.43 4.63
N PRO A 141 4.71 8.95 5.73
CA PRO A 141 5.12 8.57 7.09
C PRO A 141 4.68 7.15 7.49
N LEU A 142 5.03 6.16 6.68
CA LEU A 142 4.82 4.76 7.04
C LEU A 142 6.08 3.97 6.69
N LYS A 143 6.63 3.26 7.68
CA LYS A 143 7.78 2.39 7.45
C LYS A 143 7.35 1.17 6.64
N VAL A 144 7.93 1.01 5.46
CA VAL A 144 7.65 -0.17 4.66
C VAL A 144 8.60 -1.28 5.08
N ARG A 145 8.11 -2.18 5.92
CA ARG A 145 8.97 -3.22 6.49
C ARG A 145 9.08 -4.45 5.58
N GLY A 146 8.20 -4.53 4.59
CA GLY A 146 8.23 -5.64 3.66
C GLY A 146 7.21 -5.57 2.56
N ILE A 147 7.62 -5.95 1.35
CA ILE A 147 6.72 -6.08 0.22
C ILE A 147 6.81 -7.49 -0.34
N HIS A 148 5.68 -8.16 -0.42
CA HIS A 148 5.65 -9.54 -0.87
C HIS A 148 4.84 -9.71 -2.15
N LEU A 149 5.52 -10.10 -3.22
CA LEU A 149 4.87 -10.34 -4.49
C LEU A 149 4.67 -11.84 -4.68
N ILE A 150 3.43 -12.24 -4.97
CA ILE A 150 3.14 -13.65 -5.22
C ILE A 150 2.42 -13.81 -6.55
N ASN A 151 2.61 -14.98 -7.16
CA ASN A 151 1.99 -15.33 -8.44
C ASN A 151 2.38 -14.36 -9.56
N GLU A 152 3.61 -13.86 -9.53
CA GLU A 152 4.08 -12.89 -10.52
C GLU A 152 4.37 -13.56 -11.85
N PRO A 153 3.69 -13.14 -12.92
CA PRO A 153 4.00 -13.63 -14.27
C PRO A 153 5.33 -13.05 -14.76
N VAL A 154 5.95 -13.69 -15.75
CA VAL A 154 7.27 -13.27 -16.22
C VAL A 154 7.24 -11.87 -16.84
N ILE A 155 6.09 -11.45 -17.35
CA ILE A 155 5.98 -10.15 -18.01
C ILE A 155 5.99 -8.98 -17.01
N PHE A 156 5.88 -9.28 -15.73
CA PHE A 156 5.83 -8.23 -14.73
C PHE A 156 7.19 -7.59 -14.49
N HIS A 157 8.26 -8.35 -14.72
CA HIS A 157 9.60 -7.86 -14.41
C HIS A 157 9.98 -6.60 -15.18
N ALA A 158 9.35 -6.39 -16.33
CA ALA A 158 9.54 -5.16 -17.09
C ALA A 158 9.03 -3.97 -16.29
N VAL A 159 7.86 -4.13 -15.70
CA VAL A 159 7.26 -3.08 -14.86
C VAL A 159 8.13 -2.79 -13.65
N PHE A 160 8.59 -3.85 -12.98
CA PHE A 160 9.41 -3.69 -11.78
C PHE A 160 10.73 -3.02 -12.12
N SER A 161 11.23 -3.28 -13.32
CA SER A 161 12.47 -2.66 -13.79
C SER A 161 12.34 -1.15 -13.96
N MET A 162 11.11 -0.67 -14.10
CA MET A 162 10.86 0.77 -14.17
C MET A 162 10.95 1.40 -12.79
N ILE A 163 10.51 0.64 -11.78
CA ILE A 163 10.45 1.13 -10.41
C ILE A 163 11.81 1.03 -9.72
N LYS A 164 12.49 -0.08 -9.98
CA LYS A 164 13.77 -0.42 -9.34
C LYS A 164 14.81 0.72 -9.25
N PRO A 165 15.06 1.44 -10.36
CA PRO A 165 16.15 2.44 -10.28
C PRO A 165 15.87 3.57 -9.30
N PHE A 166 14.61 3.78 -8.95
CA PHE A 166 14.25 4.86 -8.04
C PHE A 166 14.11 4.36 -6.61
N LEU A 167 14.49 3.11 -6.38
CA LEU A 167 14.36 2.52 -5.06
C LEU A 167 15.68 2.53 -4.31
N THR A 168 15.61 2.83 -3.01
CA THR A 168 16.79 2.82 -2.17
C THR A 168 17.23 1.38 -1.90
N GLU A 169 18.43 1.23 -1.35
CA GLU A 169 18.96 -0.10 -1.09
C GLU A 169 18.20 -0.78 0.04
N LYS A 170 17.71 0.02 0.98
CA LYS A 170 16.98 -0.52 2.13
C LYS A 170 15.68 -1.18 1.69
N ILE A 171 14.88 -0.46 0.90
N ILE A 171 14.88 -0.46 0.92
CA ILE A 171 13.59 -0.95 0.46
CA ILE A 171 13.59 -0.95 0.46
C ILE A 171 13.73 -2.11 -0.53
C ILE A 171 13.77 -2.15 -0.48
N LYS A 172 14.79 -2.09 -1.33
CA LYS A 172 15.05 -3.18 -2.27
C LYS A 172 15.33 -4.49 -1.54
N GLU A 173 16.00 -4.42 -0.39
CA GLU A 173 16.24 -5.60 0.44
C GLU A 173 14.94 -6.19 0.98
N ARG A 174 13.89 -5.38 1.00
CA ARG A 174 12.62 -5.75 1.63
C ARG A 174 11.53 -6.15 0.62
N ILE A 175 11.92 -6.31 -0.64
CA ILE A 175 10.99 -6.75 -1.67
C ILE A 175 11.21 -8.22 -1.98
N HIS A 176 10.19 -9.04 -1.76
CA HIS A 176 10.27 -10.48 -1.96
C HIS A 176 9.42 -10.93 -3.12
N MET A 177 9.96 -11.85 -3.93
CA MET A 177 9.22 -12.44 -5.03
C MET A 177 9.15 -13.95 -4.87
N HIS A 178 7.95 -14.48 -4.63
CA HIS A 178 7.80 -15.87 -4.23
C HIS A 178 7.48 -16.82 -5.38
N GLY A 179 6.78 -16.32 -6.40
CA GLY A 179 6.37 -17.15 -7.51
C GLY A 179 5.04 -17.84 -7.26
N ASN A 180 4.87 -19.03 -7.84
CA ASN A 180 3.62 -19.79 -7.72
C ASN A 180 3.56 -20.62 -6.45
N ASN A 181 4.69 -21.20 -6.05
CA ASN A 181 4.75 -21.94 -4.81
C ASN A 181 5.17 -21.04 -3.66
N TYR A 182 4.25 -20.13 -3.30
CA TYR A 182 4.52 -19.08 -2.34
C TYR A 182 4.13 -19.47 -0.92
N LYS A 183 3.21 -20.43 -0.82
CA LYS A 183 2.50 -20.67 0.43
C LYS A 183 3.43 -20.99 1.59
N GLN A 184 4.42 -21.84 1.37
N GLN A 184 4.39 -21.87 1.36
CA GLN A 184 5.33 -22.23 2.44
CA GLN A 184 5.36 -22.23 2.39
C GLN A 184 6.29 -21.09 2.82
C GLN A 184 6.17 -21.02 2.84
N SER A 185 6.64 -20.24 1.87
CA SER A 185 7.46 -19.08 2.14
C SER A 185 6.63 -17.98 2.79
N LEU A 186 5.40 -17.81 2.32
CA LEU A 186 4.53 -16.74 2.80
C LEU A 186 4.04 -17.02 4.22
N LEU A 187 3.82 -18.29 4.53
CA LEU A 187 3.36 -18.67 5.87
C LEU A 187 4.44 -18.43 6.92
N GLN A 188 5.70 -18.59 6.55
CA GLN A 188 6.79 -18.36 7.48
C GLN A 188 6.90 -16.89 7.87
N HIS A 189 6.58 -16.01 6.94
CA HIS A 189 6.62 -14.57 7.23
C HIS A 189 5.37 -14.11 7.95
N PHE A 190 4.24 -14.78 7.69
CA PHE A 190 2.97 -14.41 8.28
C PHE A 190 2.22 -15.60 8.88
N PRO A 191 2.69 -16.09 10.04
CA PRO A 191 1.97 -17.19 10.69
C PRO A 191 0.64 -16.76 11.31
N ASP A 192 -0.36 -17.64 11.22
CA ASP A 192 -1.64 -17.51 11.93
C ASP A 192 -2.61 -16.44 11.42
N ILE A 193 -2.17 -15.57 10.52
CA ILE A 193 -2.97 -14.39 10.20
C ILE A 193 -3.44 -14.30 8.74
N LEU A 194 -2.92 -15.16 7.87
CA LEU A 194 -3.29 -15.12 6.46
C LEU A 194 -4.70 -15.62 6.21
N PRO A 195 -5.36 -15.11 5.15
CA PRO A 195 -6.67 -15.62 4.73
C PRO A 195 -6.57 -17.01 4.12
N LEU A 196 -7.73 -17.66 3.95
CA LEU A 196 -7.79 -19.02 3.43
C LEU A 196 -7.11 -19.15 2.07
N GLU A 197 -7.29 -18.15 1.22
CA GLU A 197 -6.80 -18.22 -0.15
C GLU A 197 -5.28 -18.29 -0.24
N TYR A 198 -4.60 -17.95 0.86
CA TYR A 198 -3.14 -17.87 0.85
C TYR A 198 -2.49 -18.75 1.92
N GLY A 199 -3.19 -19.81 2.31
CA GLY A 199 -2.66 -20.78 3.25
C GLY A 199 -3.14 -20.58 4.67
N GLY A 200 -4.03 -19.62 4.87
CA GLY A 200 -4.55 -19.33 6.19
C GLY A 200 -5.54 -20.35 6.68
N GLU A 201 -6.04 -20.16 7.90
CA GLU A 201 -6.89 -21.16 8.55
C GLU A 201 -8.32 -20.71 8.78
N GLU A 202 -8.55 -19.41 8.92
CA GLU A 202 -9.83 -18.90 9.38
C GLU A 202 -10.62 -18.11 8.33
N PHE A 203 -10.25 -16.85 8.15
CA PHE A 203 -11.04 -15.91 7.36
C PHE A 203 -10.77 -16.01 5.87
N SER A 204 -11.76 -15.60 5.07
CA SER A 204 -11.61 -15.55 3.63
C SER A 204 -11.33 -14.13 3.16
N MET A 205 -10.79 -14.00 1.96
CA MET A 205 -10.48 -12.69 1.39
C MET A 205 -11.73 -11.84 1.20
N GLU A 206 -12.84 -12.48 0.86
CA GLU A 206 -14.09 -11.75 0.64
C GLU A 206 -14.53 -11.04 1.91
N ASP A 207 -14.40 -11.72 3.05
CA ASP A 207 -14.75 -11.13 4.34
C ASP A 207 -13.81 -10.00 4.71
N ILE A 208 -12.51 -10.24 4.52
CA ILE A 208 -11.49 -9.25 4.84
C ILE A 208 -11.67 -7.97 4.04
N CYS A 209 -12.00 -8.10 2.76
CA CYS A 209 -12.23 -6.96 1.88
C CYS A 209 -13.48 -6.20 2.29
N GLN A 210 -14.54 -6.94 2.60
CA GLN A 210 -15.82 -6.33 2.99
C GLN A 210 -15.66 -5.55 4.29
N GLU A 211 -14.89 -6.10 5.23
CA GLU A 211 -14.66 -5.44 6.51
C GLU A 211 -13.92 -4.11 6.33
N TRP A 212 -12.89 -4.12 5.48
CA TRP A 212 -12.09 -2.92 5.28
C TRP A 212 -12.82 -1.88 4.44
N THR A 213 -13.70 -2.34 3.57
CA THR A 213 -14.53 -1.45 2.76
C THR A 213 -15.48 -0.68 3.67
N ASN A 214 -16.11 -1.38 4.61
CA ASN A 214 -16.99 -0.75 5.58
C ASN A 214 -16.24 0.29 6.41
N PHE A 215 -15.02 -0.03 6.80
CA PHE A 215 -14.22 0.87 7.62
C PHE A 215 -13.84 2.13 6.86
N ILE A 216 -13.54 1.97 5.57
CA ILE A 216 -13.21 3.10 4.73
C ILE A 216 -14.42 4.01 4.57
N MET A 217 -15.57 3.43 4.24
CA MET A 217 -16.82 4.19 4.10
C MET A 217 -17.16 4.88 5.41
N LYS A 218 -16.91 4.19 6.51
CA LYS A 218 -17.18 4.71 7.85
C LYS A 218 -16.33 5.93 8.17
N SER A 219 -15.16 6.00 7.54
CA SER A 219 -14.18 7.04 7.84
C SER A 219 -14.17 8.17 6.82
N GLU A 220 -15.21 8.25 5.99
CA GLU A 220 -15.22 9.18 4.88
C GLU A 220 -15.15 10.65 5.34
N ASP A 221 -15.61 10.92 6.56
CA ASP A 221 -15.56 12.27 7.09
C ASP A 221 -14.15 12.66 7.52
N TYR A 222 -13.40 11.69 8.02
CA TYR A 222 -12.01 11.92 8.40
C TYR A 222 -11.15 12.08 7.15
N LEU A 223 -11.49 11.34 6.10
CA LEU A 223 -10.74 11.39 4.86
C LEU A 223 -10.93 12.71 4.14
N SER A 224 -12.08 13.35 4.33
CA SER A 224 -12.35 14.65 3.75
C SER A 224 -11.49 15.73 4.39
N SER A 225 -11.35 15.66 5.72
CA SER A 225 -10.61 16.67 6.45
C SER A 225 -9.11 16.58 6.15
N ILE A 226 -8.63 15.37 5.90
CA ILE A 226 -7.23 15.17 5.50
C ILE A 226 -6.98 15.82 4.13
N SER A 227 -7.90 15.61 3.20
CA SER A 227 -7.82 16.20 1.86
C SER A 227 -7.71 17.72 1.89
N GLU A 228 -8.42 18.34 2.84
CA GLU A 228 -8.44 19.80 2.94
C GLU A 228 -7.23 20.34 3.70
N SER A 229 -6.46 19.44 4.30
CA SER A 229 -5.28 19.84 5.07
C SER A 229 -3.99 19.68 4.28
N ILE A 230 -4.11 19.33 3.00
CA ILE A 230 -2.95 19.26 2.12
C ILE A 230 -3.15 20.12 0.88
N GLN A 231 -4.02 21.11 0.99
CA GLN A 231 -4.25 22.06 -0.10
C GLN A 231 -4.87 23.36 0.41
O1 VIV B . 0.81 2.78 -2.72
O2 VIV B . 3.33 2.36 2.31
C1 VIV B . 3.20 -1.88 -9.90
C2 VIV B . 2.72 1.37 0.19
C3 VIV B . 2.09 1.46 -1.08
C4 VIV B . 1.46 2.64 -1.45
C5 VIV B . 1.45 3.75 -0.58
C6 VIV B . 2.05 3.67 0.67
C7 VIV B . 2.70 2.46 1.05
C8 VIV B . 3.40 0.09 0.61
C9 VIV B . 1.24 1.88 -3.72
C10 VIV B . 2.11 0.24 -2.02
C11 VIV B . 1.30 0.45 -3.27
C12 VIV B . 0.75 5.03 -1.01
C13 VIV B . 2.04 4.86 1.60
C14 VIV B . 2.60 2.31 -4.25
C15 VIV B . 0.19 2.00 -4.85
C16 VIV B . 0.59 1.28 -6.13
C17 VIV B . -0.28 1.73 -7.28
C18 VIV B . -0.21 0.76 -8.44
C19 VIV B . -1.30 1.10 -9.44
C20 VIV B . -0.36 -0.64 -7.92
C21 VIV B . -0.52 -1.67 -9.03
C22 VIV B . 0.74 -1.88 -9.84
C23 VIV B . 1.99 -2.05 -9.01
C24 VIV B . 2.02 -3.45 -8.41
C25 VIV B . 3.28 -3.67 -7.59
C26 VIV B . 3.40 -2.69 -6.45
C27 VIV B . 4.60 -2.97 -5.59
C28 VIV B . 4.67 -2.01 -4.42
C29 VIV B . 5.88 -2.93 -6.40
S SO4 C . 12.69 1.41 9.23
O1 SO4 C . 12.64 1.31 10.69
O2 SO4 C . 14.00 1.00 8.76
O3 SO4 C . 12.44 2.78 8.82
O4 SO4 C . 11.68 0.52 8.66
CL CL D . 11.11 -15.32 0.65
CL CL E . -6.23 12.90 -11.13
CA ETA F . 16.14 23.55 8.90
N ETA F . 14.83 23.35 9.55
C ETA F . 15.69 24.63 7.91
O ETA F . 14.84 24.90 6.83
#